data_4L87
#
_entry.id   4L87
#
_cell.length_a   167.074
_cell.length_b   167.074
_cell.length_c   65.156
_cell.angle_alpha   90.000
_cell.angle_beta   90.000
_cell.angle_gamma   120.000
#
_symmetry.space_group_name_H-M   'P 3 2 1'
#
loop_
_entity.id
_entity.type
_entity.pdbx_description
1 polymer 'Serine--tRNA ligase, cytoplasmic'
2 non-polymer "5'-O-(N-(L-SERYL)-SULFAMOYL)ADENOSINE"
3 non-polymer 'PHOSPHATE ION'
4 non-polymer 'MAGNESIUM ION'
#
_entity_poly.entity_id   1
_entity_poly.type   'polypeptide(L)'
_entity_poly.pdbx_seq_one_letter_code
;VLDLDLFRVDKGGDPALIRETQEKRFKDPGLVDQLVKADSEWRRCRFRADNLNKLKNLCSKTIGEKMKKKEPVGDDESVP
ENVLSFDDLTADALANLKVSQIKKVRLLIDEAILKCDAERIKLEAERFENLREIGNLLHPSVPISNDEDVDNKVERIWGD
CTVRKKYSHVDLVVMVDGFEGEKGAVVAGSRGYFLKGVLVFLEQALIQYALRTLGSRGYIPIYTPFFMRKEVMQEVAQLS
QFDEELYKVIGKGSEKSDDNSYDEKYLIATSEQPIAALHRDEWLRPEDLPIKYAGLSTCFRQEVGSHGRDTRGIFRVHQF
EKIEQFVYSSPHDNKSWEMFEEMITTAEEFYQSLGIPYHIVNIVSGSLNHAASKKLDLEAWFPGSGAFRELVSCSNCTDY
QARRLRIRYGQTKKMMDKVEFVHMLNATMCATTRTICAILENYQTEKGITVPEKLKEFMPPGLQELIPFVKPAPIE
;
_entity_poly.pdbx_strand_id   A
#
# COMPACT_ATOMS: atom_id res chain seq x y z
N VAL A 1 1.67 8.30 -3.04
CA VAL A 1 1.24 9.70 -2.78
C VAL A 1 1.26 10.52 -4.08
N LEU A 2 0.46 11.59 -4.12
CA LEU A 2 0.36 12.44 -5.32
C LEU A 2 1.46 13.49 -5.41
N ASP A 3 1.66 14.00 -6.63
CA ASP A 3 2.65 15.05 -6.89
C ASP A 3 2.19 16.39 -6.30
N LEU A 4 3.13 17.08 -5.66
CA LEU A 4 2.84 18.35 -4.98
C LEU A 4 2.61 19.53 -5.93
N ASP A 5 3.18 19.43 -7.14
CA ASP A 5 3.04 20.49 -8.15
C ASP A 5 1.62 20.59 -8.72
N LEU A 6 0.82 19.55 -8.50
CA LEU A 6 -0.59 19.55 -8.88
C LEU A 6 -1.41 20.47 -7.97
N PHE A 7 -0.95 20.62 -6.73
CA PHE A 7 -1.62 21.44 -5.72
C PHE A 7 -1.21 22.91 -5.80
N ARG A 8 -0.13 23.19 -6.52
CA ARG A 8 0.41 24.55 -6.62
C ARG A 8 -0.07 25.27 -7.88
N VAL A 9 -0.56 26.50 -7.69
CA VAL A 9 -1.03 27.34 -8.79
C VAL A 9 0.12 28.00 -9.55
N ASP A 10 1.27 28.15 -8.89
CA ASP A 10 2.48 28.68 -9.51
C ASP A 10 3.01 27.74 -10.59
N LYS A 11 2.79 26.44 -10.40
CA LYS A 11 3.09 25.43 -11.40
C LYS A 11 1.88 25.22 -12.30
N GLY A 12 1.93 24.19 -13.16
CA GLY A 12 0.86 23.89 -14.10
C GLY A 12 -0.39 23.29 -13.47
N GLY A 13 -0.28 22.84 -12.22
CA GLY A 13 -1.37 22.16 -11.53
C GLY A 13 -2.49 23.06 -11.04
N ASP A 14 -3.63 22.45 -10.72
CA ASP A 14 -4.80 23.17 -10.21
C ASP A 14 -5.44 22.39 -9.06
N PRO A 15 -5.63 23.05 -7.90
CA PRO A 15 -6.18 22.43 -6.69
C PRO A 15 -7.65 22.03 -6.81
N ALA A 16 -8.39 22.72 -7.68
CA ALA A 16 -9.81 22.45 -7.90
C ALA A 16 -10.07 21.10 -8.58
N LEU A 17 -9.13 20.68 -9.41
CA LEU A 17 -9.21 19.39 -10.10
C LEU A 17 -9.02 18.22 -9.13
N ILE A 18 -8.20 18.44 -8.10
CA ILE A 18 -7.96 17.44 -7.05
C ILE A 18 -9.16 17.39 -6.09
N ARG A 19 -9.81 18.54 -5.91
CA ARG A 19 -11.05 18.63 -5.13
C ARG A 19 -12.18 17.81 -5.75
N GLU A 20 -12.20 17.75 -7.08
CA GLU A 20 -13.20 16.98 -7.83
C GLU A 20 -13.01 15.48 -7.65
N THR A 21 -11.76 15.02 -7.68
CA THR A 21 -11.42 13.61 -7.51
C THR A 21 -11.72 13.10 -6.10
N GLN A 22 -11.61 14.00 -5.12
CA GLN A 22 -11.95 13.68 -3.73
C GLN A 22 -13.46 13.53 -3.55
N GLU A 23 -14.23 14.34 -4.28
CA GLU A 23 -15.69 14.24 -4.28
C GLU A 23 -16.16 13.00 -5.03
N LYS A 24 -15.40 12.60 -6.04
CA LYS A 24 -15.67 11.37 -6.79
C LYS A 24 -15.41 10.13 -5.94
N ARG A 25 -14.39 10.20 -5.09
CA ARG A 25 -14.07 9.13 -4.15
C ARG A 25 -14.97 9.18 -2.91
N PHE A 26 -15.81 10.21 -2.84
CA PHE A 26 -16.71 10.46 -1.71
C PHE A 26 -15.97 10.62 -0.39
N LYS A 27 -14.89 11.40 -0.44
CA LYS A 27 -14.07 11.72 0.73
C LYS A 27 -13.89 13.23 0.88
N ASP A 28 -13.41 13.66 2.04
CA ASP A 28 -13.29 15.08 2.38
C ASP A 28 -12.43 15.87 1.37
N PRO A 29 -13.05 16.88 0.71
CA PRO A 29 -12.35 17.76 -0.21
C PRO A 29 -11.62 18.89 0.51
N GLY A 30 -11.91 19.05 1.81
CA GLY A 30 -11.27 20.08 2.64
C GLY A 30 -9.81 19.81 2.94
N LEU A 31 -9.38 18.58 2.68
CA LEU A 31 -7.97 18.19 2.85
C LEU A 31 -7.08 18.83 1.80
N VAL A 32 -7.67 19.17 0.65
CA VAL A 32 -6.97 19.87 -0.42
C VAL A 32 -6.69 21.32 -0.04
N ASP A 33 -7.67 21.97 0.60
CA ASP A 33 -7.53 23.34 1.09
C ASP A 33 -6.55 23.44 2.25
N GLN A 34 -6.53 22.41 3.09
CA GLN A 34 -5.59 22.32 4.21
C GLN A 34 -4.16 22.05 3.71
N LEU A 35 -4.06 21.40 2.56
CA LEU A 35 -2.78 21.12 1.91
C LEU A 35 -2.15 22.41 1.39
N VAL A 36 -2.92 23.18 0.62
CA VAL A 36 -2.46 24.44 0.03
C VAL A 36 -2.05 25.45 1.10
N LYS A 37 -2.87 25.54 2.16
CA LYS A 37 -2.60 26.45 3.27
C LYS A 37 -1.30 26.11 4.01
N ALA A 38 -1.08 24.81 4.23
CA ALA A 38 0.14 24.34 4.89
C ALA A 38 1.38 24.50 4.00
N ASP A 39 1.19 24.32 2.70
CA ASP A 39 2.28 24.47 1.72
C ASP A 39 2.68 25.94 1.56
N SER A 40 1.70 26.83 1.64
CA SER A 40 1.94 28.28 1.57
C SER A 40 2.65 28.78 2.83
N GLU A 41 2.29 28.20 3.97
CA GLU A 41 2.90 28.53 5.25
C GLU A 41 4.32 27.93 5.34
N TRP A 42 4.51 26.79 4.68
CA TRP A 42 5.82 26.16 4.56
C TRP A 42 6.73 26.94 3.66
N ARG A 43 6.17 27.50 2.59
CA ARG A 43 6.91 28.31 1.63
C ARG A 43 7.49 29.57 2.29
N ARG A 44 6.67 30.23 3.11
CA ARG A 44 7.08 31.43 3.85
C ARG A 44 8.16 31.11 4.90
N CYS A 45 8.10 29.90 5.43
CA CYS A 45 9.10 29.41 6.39
C CYS A 45 10.45 29.22 5.73
N ARG A 46 10.44 28.84 4.45
CA ARG A 46 11.67 28.67 3.66
C ARG A 46 12.33 30.01 3.34
N PHE A 47 11.51 31.03 3.06
CA PHE A 47 11.99 32.38 2.82
C PHE A 47 12.62 32.99 4.07
N ARG A 48 12.08 32.64 5.23
CA ARG A 48 12.61 33.09 6.52
C ARG A 48 13.94 32.39 6.83
N ALA A 49 14.06 31.14 6.40
CA ALA A 49 15.28 30.36 6.58
C ALA A 49 16.42 30.87 5.70
N ASP A 50 16.07 31.37 4.52
CA ASP A 50 17.06 31.94 3.59
C ASP A 50 17.58 33.29 4.08
N ASN A 51 16.70 34.11 4.63
CA ASN A 51 17.07 35.40 5.20
C ASN A 51 17.95 35.27 6.44
N LEU A 52 17.67 34.25 7.25
CA LEU A 52 18.48 33.97 8.44
C LEU A 52 19.89 33.52 8.07
N ASN A 53 20.02 32.80 6.96
CA ASN A 53 21.31 32.39 6.43
C ASN A 53 22.13 33.56 5.88
N LYS A 54 21.43 34.49 5.23
CA LYS A 54 22.06 35.70 4.68
C LYS A 54 22.57 36.62 5.79
N LEU A 55 21.82 36.71 6.87
CA LEU A 55 22.20 37.53 8.02
C LEU A 55 23.31 36.87 8.85
N LYS A 56 23.32 35.54 8.87
CA LYS A 56 24.37 34.77 9.52
C LYS A 56 25.71 34.95 8.80
N ASN A 57 25.66 34.94 7.47
CA ASN A 57 26.83 35.17 6.63
C ASN A 57 27.33 36.61 6.68
N LEU A 58 26.39 37.54 6.84
CA LEU A 58 26.72 38.96 6.95
C LEU A 58 27.41 39.26 8.30
N CYS A 59 26.99 38.54 9.33
CA CYS A 59 27.62 38.62 10.66
C CYS A 59 29.04 38.08 10.63
N SER A 60 29.23 36.98 9.90
CA SER A 60 30.55 36.37 9.75
C SER A 60 31.49 37.20 8.87
N LYS A 61 30.90 37.90 7.90
CA LYS A 61 31.66 38.76 6.99
C LYS A 61 32.19 40.01 7.71
N THR A 62 31.35 40.62 8.54
CA THR A 62 31.73 41.83 9.28
C THR A 62 32.80 41.54 10.34
N ILE A 63 32.72 40.36 10.96
CA ILE A 63 33.75 39.92 11.91
C ILE A 63 35.06 39.63 11.18
N GLY A 64 34.97 38.93 10.06
CA GLY A 64 36.13 38.59 9.23
C GLY A 64 36.90 39.80 8.74
N GLU A 65 36.17 40.87 8.38
CA GLU A 65 36.78 42.12 7.94
C GLU A 65 37.40 42.90 9.10
N LYS A 66 36.79 42.80 10.28
CA LYS A 66 37.28 43.48 11.48
C LYS A 66 38.42 42.72 12.16
N MET A 67 38.55 41.43 11.84
CA MET A 67 39.69 40.63 12.31
C MET A 67 40.95 40.94 11.51
N LYS A 68 40.77 41.32 10.24
CA LYS A 68 41.88 41.70 9.37
C LYS A 68 42.44 43.06 9.76
N LYS A 69 41.55 44.01 10.07
CA LYS A 69 41.93 45.35 10.52
C LYS A 69 42.29 45.35 12.01
N LYS A 70 41.95 44.25 12.69
CA LYS A 70 42.22 44.05 14.12
C LYS A 70 41.66 45.16 15.03
N GLU A 71 40.34 45.17 15.16
CA GLU A 71 39.65 46.05 16.10
C GLU A 71 39.89 45.57 17.54
N PRO A 72 39.75 46.46 18.54
CA PRO A 72 39.95 46.10 19.95
C PRO A 72 38.98 45.02 20.47
N VAL A 73 38.24 44.39 19.57
CA VAL A 73 37.30 43.29 19.86
C VAL A 73 36.09 43.74 20.70
N GLY A 74 36.35 44.26 21.88
CA GLY A 74 35.29 44.76 22.77
C GLY A 74 35.09 43.90 24.00
N ASP A 75 34.76 44.55 25.11
CA ASP A 75 34.49 43.85 26.37
C ASP A 75 33.06 44.10 26.85
N ASP A 76 32.23 44.66 25.97
CA ASP A 76 30.82 44.95 26.28
C ASP A 76 30.01 43.66 26.34
N GLU A 77 29.87 42.98 25.23
CA GLU A 77 29.38 41.64 25.23
C GLU A 77 27.89 41.58 25.48
N SER A 78 27.29 42.75 25.63
CA SER A 78 25.85 42.90 25.80
C SER A 78 25.15 43.08 24.46
N VAL A 79 24.06 42.35 24.27
CA VAL A 79 23.30 42.38 23.01
C VAL A 79 22.43 43.64 22.95
N PRO A 80 22.60 44.44 21.87
CA PRO A 80 21.76 45.63 21.67
C PRO A 80 20.36 45.26 21.16
N GLU A 81 19.35 45.99 21.62
CA GLU A 81 17.96 45.72 21.25
C GLU A 81 17.64 46.25 19.86
N ASN A 82 18.23 47.40 19.52
CA ASN A 82 17.90 48.14 18.30
C ASN A 82 18.46 47.53 17.00
N VAL A 83 18.77 46.24 17.02
CA VAL A 83 19.36 45.57 15.87
C VAL A 83 18.79 44.16 15.64
N LEU A 84 18.01 43.68 16.61
CA LEU A 84 17.49 42.30 16.57
C LEU A 84 16.20 42.15 15.77
N SER A 85 16.28 42.46 14.48
CA SER A 85 15.20 42.21 13.52
C SER A 85 15.75 42.13 12.10
N PHE A 86 14.91 41.65 11.17
CA PHE A 86 15.29 41.51 9.77
C PHE A 86 15.57 42.86 9.08
N ASP A 87 14.82 43.89 9.50
CA ASP A 87 14.97 45.23 8.94
C ASP A 87 16.11 46.02 9.59
N ASP A 88 16.32 45.78 10.89
CA ASP A 88 17.31 46.55 11.66
C ASP A 88 18.74 46.01 11.51
N LEU A 89 18.89 44.69 11.39
CA LEU A 89 20.21 44.08 11.22
C LEU A 89 20.73 44.30 9.79
N THR A 90 21.40 45.42 9.59
CA THR A 90 21.96 45.79 8.28
C THR A 90 23.49 45.86 8.34
N ALA A 91 24.11 46.13 7.19
CA ALA A 91 25.56 46.26 7.08
C ALA A 91 26.08 47.46 7.86
N ASP A 92 25.32 48.56 7.85
CA ASP A 92 25.67 49.78 8.56
C ASP A 92 25.52 49.63 10.07
N ALA A 93 24.48 48.89 10.48
CA ALA A 93 24.20 48.64 11.90
C ALA A 93 25.23 47.70 12.53
N LEU A 94 25.71 46.74 11.75
CA LEU A 94 26.73 45.80 12.21
C LEU A 94 28.12 46.42 12.26
N ALA A 95 28.32 47.48 11.48
CA ALA A 95 29.59 48.22 11.45
C ALA A 95 29.84 49.00 12.74
N ASN A 96 28.76 49.49 13.34
CA ASN A 96 28.83 50.24 14.60
C ASN A 96 29.11 49.35 15.81
N LEU A 97 28.69 48.10 15.74
CA LEU A 97 28.85 47.15 16.84
C LEU A 97 30.23 46.50 16.82
N LYS A 98 30.71 46.13 18.00
CA LYS A 98 32.03 45.51 18.15
C LYS A 98 31.98 43.99 17.96
N VAL A 99 33.16 43.39 17.76
CA VAL A 99 33.29 41.96 17.46
C VAL A 99 32.62 41.05 18.49
N SER A 100 32.78 41.37 19.77
CA SER A 100 32.19 40.60 20.87
C SER A 100 30.67 40.66 20.88
N GLN A 101 30.12 41.75 20.35
CA GLN A 101 28.67 41.93 20.25
C GLN A 101 28.05 41.16 19.08
N ILE A 102 28.76 41.17 17.95
CA ILE A 102 28.29 40.49 16.72
C ILE A 102 28.28 38.97 16.89
N LYS A 103 29.23 38.45 17.67
CA LYS A 103 29.29 37.01 17.99
C LYS A 103 28.07 36.58 18.82
N LYS A 104 27.61 37.47 19.69
CA LYS A 104 26.41 37.24 20.49
C LYS A 104 25.15 37.26 19.63
N VAL A 105 25.15 38.08 18.59
CA VAL A 105 24.04 38.18 17.64
C VAL A 105 23.94 36.91 16.79
N ARG A 106 25.08 36.41 16.32
CA ARG A 106 25.13 35.20 15.49
C ARG A 106 24.62 33.96 16.24
N LEU A 107 24.89 33.90 17.54
CA LEU A 107 24.41 32.82 18.40
C LEU A 107 22.88 32.79 18.51
N LEU A 108 22.28 33.99 18.53
CA LEU A 108 20.82 34.13 18.56
C LEU A 108 20.20 33.78 17.21
N ILE A 109 20.93 34.05 16.13
CA ILE A 109 20.52 33.67 14.78
C ILE A 109 20.58 32.15 14.62
N ASP A 110 21.63 31.54 15.16
CA ASP A 110 21.79 30.09 15.17
C ASP A 110 20.65 29.38 15.90
N GLU A 111 20.18 29.99 16.99
CA GLU A 111 19.03 29.50 17.74
C GLU A 111 17.73 29.70 16.96
N ALA A 112 17.69 30.78 16.17
CA ALA A 112 16.53 31.09 15.34
C ALA A 112 16.41 30.15 14.14
N ILE A 113 17.56 29.75 13.59
CA ILE A 113 17.61 28.81 12.46
C ILE A 113 17.11 27.42 12.91
N LEU A 114 17.53 27.00 14.10
CA LEU A 114 17.08 25.74 14.69
C LEU A 114 15.59 25.74 14.99
N LYS A 115 15.07 26.89 15.40
CA LYS A 115 13.64 27.06 15.65
C LYS A 115 12.86 27.10 14.33
N CYS A 116 13.47 27.72 13.32
CA CYS A 116 12.88 27.81 11.98
C CYS A 116 12.84 26.44 11.30
N ASP A 117 13.89 25.65 11.53
CA ASP A 117 13.99 24.30 10.98
C ASP A 117 12.99 23.35 11.65
N ALA A 118 12.77 23.56 12.95
CA ALA A 118 11.78 22.80 13.70
C ALA A 118 10.36 23.12 13.22
N GLU A 119 10.15 24.37 12.85
CA GLU A 119 8.89 24.82 12.25
C GLU A 119 8.73 24.24 10.85
N ARG A 120 9.84 24.17 10.11
CA ARG A 120 9.87 23.64 8.75
C ARG A 120 9.53 22.15 8.72
N ILE A 121 10.01 21.41 9.70
CA ILE A 121 9.71 19.98 9.84
C ILE A 121 8.25 19.77 10.25
N LYS A 122 7.77 20.60 11.17
CA LYS A 122 6.39 20.55 11.64
C LYS A 122 5.39 20.82 10.52
N LEU A 123 5.70 21.82 9.69
CA LEU A 123 4.83 22.20 8.56
C LEU A 123 4.83 21.14 7.46
N GLU A 124 5.97 20.47 7.27
CA GLU A 124 6.08 19.37 6.30
C GLU A 124 5.29 18.15 6.74
N ALA A 125 5.30 17.89 8.05
CA ALA A 125 4.51 16.81 8.64
C ALA A 125 3.02 17.14 8.62
N GLU A 126 2.69 18.41 8.81
CA GLU A 126 1.32 18.91 8.74
C GLU A 126 0.81 18.83 7.30
N ARG A 127 1.69 19.11 6.34
CA ARG A 127 1.37 19.01 4.92
C ARG A 127 1.16 17.56 4.52
N PHE A 128 1.99 16.67 5.09
CA PHE A 128 1.97 15.25 4.74
C PHE A 128 0.73 14.53 5.27
N GLU A 129 0.21 15.00 6.41
CA GLU A 129 -1.01 14.45 7.00
C GLU A 129 -2.21 14.57 6.04
N ASN A 130 -2.28 15.72 5.35
CA ASN A 130 -3.32 15.95 4.35
C ASN A 130 -3.02 15.20 3.05
N LEU A 131 -1.76 15.18 2.65
CA LEU A 131 -1.32 14.55 1.41
C LEU A 131 -1.45 13.03 1.42
N ARG A 132 -1.27 12.44 2.60
CA ARG A 132 -1.36 10.99 2.79
C ARG A 132 -2.76 10.45 2.50
N GLU A 133 -3.77 11.21 2.90
CA GLU A 133 -5.16 10.78 2.81
C GLU A 133 -5.91 11.29 1.57
N ILE A 134 -5.14 11.67 0.54
CA ILE A 134 -5.72 12.05 -0.75
C ILE A 134 -5.46 10.94 -1.77
N GLY A 135 -6.54 10.41 -2.34
CA GLY A 135 -6.47 9.29 -3.27
C GLY A 135 -5.89 9.61 -4.63
N ASN A 136 -5.52 8.56 -5.37
CA ASN A 136 -4.93 8.69 -6.70
C ASN A 136 -5.94 9.17 -7.75
N LEU A 137 -5.42 9.71 -8.85
CA LEU A 137 -6.26 10.15 -9.97
C LEU A 137 -6.96 8.95 -10.62
N LEU A 138 -8.27 9.09 -10.81
CA LEU A 138 -9.10 7.99 -11.29
C LEU A 138 -9.06 7.82 -12.80
N HIS A 139 -9.19 6.57 -13.25
CA HIS A 139 -9.32 6.25 -14.66
C HIS A 139 -10.69 6.66 -15.14
N PRO A 140 -10.79 7.17 -16.39
CA PRO A 140 -12.08 7.62 -16.94
C PRO A 140 -13.19 6.56 -16.93
N SER A 141 -12.82 5.29 -16.97
CA SER A 141 -13.79 4.19 -17.03
C SER A 141 -14.31 3.74 -15.67
N VAL A 142 -13.79 4.32 -14.60
CA VAL A 142 -14.22 4.01 -13.23
C VAL A 142 -15.58 4.65 -12.94
N PRO A 143 -16.58 3.83 -12.55
CA PRO A 143 -17.89 4.35 -12.18
C PRO A 143 -17.83 5.20 -10.91
N ILE A 144 -18.41 6.40 -10.97
CA ILE A 144 -18.37 7.33 -9.84
C ILE A 144 -19.63 7.17 -8.98
N SER A 145 -19.48 6.46 -7.87
CA SER A 145 -20.57 6.21 -6.92
C SER A 145 -20.04 5.73 -5.56
N ASN A 146 -20.92 5.76 -4.56
CA ASN A 146 -20.61 5.27 -3.23
C ASN A 146 -21.21 3.88 -2.99
N ASP A 147 -22.25 3.56 -3.76
CA ASP A 147 -22.96 2.28 -3.65
C ASP A 147 -22.30 1.23 -4.55
N GLU A 148 -22.05 0.05 -3.98
CA GLU A 148 -21.42 -1.05 -4.71
C GLU A 148 -22.46 -1.94 -5.39
N ASP A 149 -23.51 -2.29 -4.67
CA ASP A 149 -24.53 -3.23 -5.14
C ASP A 149 -25.29 -2.72 -6.37
N VAL A 150 -25.41 -1.40 -6.50
CA VAL A 150 -26.20 -0.78 -7.56
C VAL A 150 -25.34 -0.39 -8.78
N ASP A 151 -24.18 0.21 -8.52
CA ASP A 151 -23.42 0.88 -9.59
C ASP A 151 -22.17 0.13 -10.11
N ASN A 152 -21.83 -1.00 -9.49
CA ASN A 152 -20.71 -1.82 -9.97
C ASN A 152 -21.02 -2.48 -11.31
N LYS A 153 -20.33 -2.03 -12.35
CA LYS A 153 -20.58 -2.51 -13.70
C LYS A 153 -19.93 -3.86 -13.96
N VAL A 154 -20.74 -4.81 -14.45
CA VAL A 154 -20.25 -6.14 -14.80
C VAL A 154 -19.70 -6.11 -16.23
N GLU A 155 -18.45 -6.51 -16.38
CA GLU A 155 -17.76 -6.46 -17.68
C GLU A 155 -17.89 -7.76 -18.46
N ARG A 156 -17.39 -8.86 -17.87
CA ARG A 156 -17.37 -10.17 -18.52
C ARG A 156 -18.01 -11.21 -17.61
N ILE A 157 -18.65 -12.21 -18.23
CA ILE A 157 -19.23 -13.33 -17.50
C ILE A 157 -18.76 -14.65 -18.14
N TRP A 158 -18.23 -15.54 -17.32
CA TRP A 158 -17.76 -16.85 -17.79
C TRP A 158 -18.36 -17.98 -17.01
N GLY A 159 -18.76 -19.03 -17.71
CA GLY A 159 -19.32 -20.22 -17.10
C GLY A 159 -20.77 -20.07 -16.64
N ASP A 160 -21.35 -21.17 -16.16
CA ASP A 160 -22.71 -21.17 -15.67
C ASP A 160 -22.77 -20.62 -14.26
N CYS A 161 -23.49 -19.50 -14.10
CA CYS A 161 -23.59 -18.82 -12.81
C CYS A 161 -25.01 -18.86 -12.23
N THR A 162 -25.78 -19.85 -12.65
CA THR A 162 -27.17 -20.02 -12.19
C THR A 162 -27.39 -21.37 -11.52
N VAL A 163 -26.59 -22.37 -11.88
CA VAL A 163 -26.69 -23.72 -11.33
C VAL A 163 -26.27 -23.75 -9.87
N ARG A 164 -27.19 -24.14 -9.00
CA ARG A 164 -26.94 -24.26 -7.56
C ARG A 164 -26.75 -25.71 -7.15
N LYS A 165 -25.95 -25.94 -6.11
CA LYS A 165 -25.65 -27.29 -5.64
C LYS A 165 -26.11 -27.57 -4.21
N LYS A 166 -25.73 -28.73 -3.70
CA LYS A 166 -26.24 -29.28 -2.45
C LYS A 166 -25.85 -28.49 -1.20
N TYR A 167 -24.56 -28.49 -0.86
CA TYR A 167 -24.08 -27.91 0.39
C TYR A 167 -23.23 -26.66 0.21
N SER A 168 -23.25 -25.80 1.23
CA SER A 168 -22.40 -24.61 1.27
C SER A 168 -20.99 -24.98 1.73
N HIS A 169 -20.04 -24.06 1.53
CA HIS A 169 -18.63 -24.29 1.88
C HIS A 169 -18.41 -24.51 3.35
N VAL A 170 -19.33 -24.00 4.18
CA VAL A 170 -19.29 -24.17 5.62
C VAL A 170 -19.45 -25.65 6.02
N ASP A 171 -20.43 -26.31 5.42
CA ASP A 171 -20.68 -27.73 5.68
C ASP A 171 -19.64 -28.62 5.02
N LEU A 172 -19.22 -28.23 3.81
CA LEU A 172 -18.26 -28.99 3.01
C LEU A 172 -16.87 -29.06 3.63
N VAL A 173 -16.48 -28.00 4.33
CA VAL A 173 -15.16 -27.92 4.97
C VAL A 173 -15.04 -28.87 6.17
N VAL A 174 -16.18 -29.22 6.76
CA VAL A 174 -16.24 -30.10 7.93
C VAL A 174 -16.48 -31.56 7.53
N MET A 175 -17.29 -31.76 6.49
CA MET A 175 -17.68 -33.10 6.03
C MET A 175 -16.51 -33.95 5.55
N VAL A 176 -15.50 -33.30 4.97
CA VAL A 176 -14.31 -34.00 4.48
C VAL A 176 -13.24 -34.08 5.57
N ASP A 177 -13.55 -33.53 6.74
CA ASP A 177 -12.65 -33.48 7.90
C ASP A 177 -11.34 -32.78 7.57
N GLY A 178 -11.41 -31.47 7.44
CA GLY A 178 -10.25 -30.64 7.16
C GLY A 178 -10.33 -29.28 7.81
N PHE A 179 -11.13 -29.20 8.87
CA PHE A 179 -11.42 -27.94 9.55
C PHE A 179 -11.67 -28.14 11.04
N GLU A 180 -10.99 -27.34 11.86
CA GLU A 180 -11.23 -27.32 13.29
C GLU A 180 -11.42 -25.88 13.76
N GLY A 181 -12.66 -25.44 13.81
CA GLY A 181 -13.00 -24.06 14.16
C GLY A 181 -13.04 -23.80 15.65
N GLU A 182 -13.69 -24.69 16.39
CA GLU A 182 -13.82 -24.57 17.84
C GLU A 182 -12.48 -24.66 18.56
N LYS A 183 -11.59 -25.50 18.04
CA LYS A 183 -10.24 -25.65 18.58
C LYS A 183 -9.38 -24.44 18.24
N GLY A 184 -9.56 -23.91 17.02
CA GLY A 184 -8.85 -22.71 16.58
C GLY A 184 -9.32 -21.45 17.27
N ALA A 185 -10.58 -21.46 17.73
CA ALA A 185 -11.15 -20.34 18.47
C ALA A 185 -10.53 -20.19 19.86
N VAL A 186 -10.11 -21.31 20.45
CA VAL A 186 -9.45 -21.32 21.75
C VAL A 186 -7.98 -20.91 21.60
N VAL A 187 -7.34 -21.41 20.55
CA VAL A 187 -5.91 -21.20 20.33
C VAL A 187 -5.58 -19.76 19.91
N ALA A 188 -6.20 -19.30 18.83
CA ALA A 188 -5.87 -17.99 18.23
C ALA A 188 -6.91 -16.90 18.49
N GLY A 189 -8.02 -17.27 19.14
CA GLY A 189 -9.14 -16.37 19.33
C GLY A 189 -10.19 -16.60 18.26
N SER A 190 -11.26 -15.82 18.30
CA SER A 190 -12.36 -15.94 17.35
C SER A 190 -11.89 -15.87 15.90
N ARG A 191 -12.48 -16.70 15.05
CA ARG A 191 -12.17 -16.77 13.61
C ARG A 191 -10.92 -17.62 13.31
N GLY A 192 -10.21 -18.02 14.36
CA GLY A 192 -9.03 -18.89 14.23
C GLY A 192 -9.41 -20.30 13.84
N TYR A 193 -8.55 -20.96 13.06
CA TYR A 193 -8.86 -22.27 12.49
C TYR A 193 -7.63 -23.18 12.36
N PHE A 194 -7.91 -24.49 12.34
CA PHE A 194 -6.91 -25.50 12.00
C PHE A 194 -7.34 -26.19 10.71
N LEU A 195 -6.50 -26.10 9.67
CA LEU A 195 -6.76 -26.80 8.42
C LEU A 195 -5.99 -28.13 8.46
N LYS A 196 -6.70 -29.24 8.27
CA LYS A 196 -6.09 -30.56 8.45
C LYS A 196 -6.29 -31.54 7.29
N GLY A 197 -5.31 -32.43 7.13
CA GLY A 197 -5.41 -33.57 6.21
C GLY A 197 -5.53 -33.25 4.74
N VAL A 198 -6.73 -33.48 4.20
CA VAL A 198 -7.00 -33.41 2.76
C VAL A 198 -6.92 -32.00 2.17
N LEU A 199 -7.31 -31.00 2.96
CA LEU A 199 -7.33 -29.61 2.50
C LEU A 199 -5.94 -28.96 2.54
N VAL A 200 -5.03 -29.57 3.30
CA VAL A 200 -3.63 -29.15 3.33
C VAL A 200 -2.98 -29.49 1.98
N PHE A 201 -3.29 -30.68 1.47
CA PHE A 201 -2.82 -31.12 0.16
C PHE A 201 -3.45 -30.32 -0.99
N LEU A 202 -4.70 -29.91 -0.79
CA LEU A 202 -5.42 -29.10 -1.77
C LEU A 202 -4.80 -27.70 -1.86
N GLU A 203 -4.49 -27.12 -0.71
CA GLU A 203 -3.83 -25.82 -0.64
C GLU A 203 -2.45 -25.88 -1.29
N GLN A 204 -1.70 -26.93 -0.97
CA GLN A 204 -0.37 -27.15 -1.54
C GLN A 204 -0.41 -27.41 -3.04
N ALA A 205 -1.52 -27.98 -3.51
CA ALA A 205 -1.73 -28.19 -4.94
C ALA A 205 -1.99 -26.87 -5.66
N LEU A 206 -2.74 -25.98 -5.01
CA LEU A 206 -3.04 -24.66 -5.54
C LEU A 206 -1.80 -23.76 -5.59
N ILE A 207 -1.00 -23.81 -4.52
CA ILE A 207 0.26 -23.06 -4.44
C ILE A 207 1.25 -23.52 -5.51
N GLN A 208 1.37 -24.84 -5.66
CA GLN A 208 2.29 -25.42 -6.63
C GLN A 208 1.86 -25.13 -8.07
N TYR A 209 0.55 -25.09 -8.30
CA TYR A 209 0.00 -24.81 -9.63
C TYR A 209 0.08 -23.32 -10.00
N ALA A 210 -0.24 -22.45 -9.05
CA ALA A 210 -0.23 -21.01 -9.27
C ALA A 210 1.17 -20.46 -9.55
N LEU A 211 2.18 -21.02 -8.88
CA LEU A 211 3.57 -20.61 -9.06
C LEU A 211 4.12 -21.05 -10.42
N ARG A 212 3.72 -22.24 -10.86
CA ARG A 212 4.16 -22.78 -12.15
C ARG A 212 3.47 -22.08 -13.33
N THR A 213 2.22 -21.68 -13.13
CA THR A 213 1.44 -20.96 -14.14
C THR A 213 2.04 -19.57 -14.38
N LEU A 214 2.40 -18.88 -13.31
CA LEU A 214 3.01 -17.56 -13.40
C LEU A 214 4.47 -17.64 -13.83
N GLY A 215 5.21 -18.59 -13.26
CA GLY A 215 6.62 -18.79 -13.55
C GLY A 215 6.93 -19.01 -15.02
N SER A 216 6.05 -19.72 -15.71
CA SER A 216 6.19 -20.00 -17.14
C SER A 216 5.85 -18.77 -18.00
N ARG A 217 5.14 -17.82 -17.41
CA ARG A 217 4.73 -16.61 -18.12
C ARG A 217 5.72 -15.45 -17.96
N GLY A 218 6.80 -15.69 -17.22
CA GLY A 218 7.85 -14.69 -17.04
C GLY A 218 7.93 -14.06 -15.67
N TYR A 219 7.00 -14.45 -14.78
CA TYR A 219 6.96 -13.96 -13.40
C TYR A 219 8.11 -14.56 -12.59
N ILE A 220 8.64 -13.77 -11.66
CA ILE A 220 9.69 -14.23 -10.76
C ILE A 220 9.06 -14.56 -9.40
N PRO A 221 9.02 -15.86 -9.04
CA PRO A 221 8.46 -16.28 -7.74
C PRO A 221 9.25 -15.67 -6.60
N ILE A 222 8.54 -15.10 -5.62
CA ILE A 222 9.21 -14.42 -4.50
C ILE A 222 8.51 -14.64 -3.16
N TYR A 223 9.27 -15.22 -2.22
CA TYR A 223 8.84 -15.39 -0.84
C TYR A 223 9.26 -14.16 -0.06
N THR A 224 8.29 -13.54 0.62
CA THR A 224 8.50 -12.24 1.27
C THR A 224 8.46 -12.35 2.80
N PRO A 225 9.03 -11.35 3.51
CA PRO A 225 8.83 -11.25 4.96
C PRO A 225 7.37 -11.05 5.32
N PHE A 226 6.95 -11.63 6.43
CA PHE A 226 5.56 -11.58 6.88
C PHE A 226 5.29 -10.37 7.77
N PHE A 227 6.36 -9.70 8.20
CA PHE A 227 6.25 -8.45 8.96
C PHE A 227 7.17 -7.37 8.42
N MET A 228 6.76 -6.12 8.58
CA MET A 228 7.52 -4.96 8.09
C MET A 228 7.71 -3.91 9.18
N ARG A 229 8.76 -3.11 9.05
CA ARG A 229 9.04 -2.01 9.98
C ARG A 229 8.01 -0.89 9.80
N LYS A 230 7.74 -0.18 10.90
CA LYS A 230 6.74 0.91 10.92
C LYS A 230 6.99 1.97 9.85
N GLU A 231 8.25 2.40 9.72
CA GLU A 231 8.65 3.42 8.75
C GLU A 231 8.32 3.01 7.32
N VAL A 232 8.47 1.72 7.02
CA VAL A 232 8.26 1.20 5.67
C VAL A 232 6.79 0.83 5.42
N MET A 233 6.12 0.32 6.46
CA MET A 233 4.71 -0.06 6.36
C MET A 233 3.80 1.15 6.16
N GLN A 234 4.18 2.28 6.75
CA GLN A 234 3.43 3.55 6.59
C GLN A 234 3.49 4.07 5.15
N GLU A 235 4.50 3.64 4.40
CA GLU A 235 4.70 4.07 3.01
C GLU A 235 3.85 3.25 2.02
N VAL A 236 3.43 2.06 2.44
CA VAL A 236 2.65 1.17 1.58
C VAL A 236 1.18 1.00 2.03
N ALA A 237 0.87 1.52 3.21
CA ALA A 237 -0.48 1.41 3.77
C ALA A 237 -1.00 2.76 4.28
N GLN A 238 -2.32 2.94 4.17
CA GLN A 238 -2.99 4.16 4.63
C GLN A 238 -3.43 4.04 6.10
N LEU A 239 -3.81 5.17 6.69
CA LEU A 239 -4.21 5.24 8.10
C LEU A 239 -5.36 4.31 8.49
N SER A 240 -6.29 4.11 7.56
CA SER A 240 -7.43 3.21 7.77
C SER A 240 -7.00 1.75 7.90
N GLN A 241 -5.97 1.37 7.16
CA GLN A 241 -5.41 0.01 7.21
C GLN A 241 -4.74 -0.29 8.55
N PHE A 242 -4.22 0.74 9.19
CA PHE A 242 -3.65 0.60 10.54
C PHE A 242 -4.73 0.49 11.61
N ASP A 243 -5.94 0.96 11.28
CA ASP A 243 -7.07 0.96 12.19
C ASP A 243 -7.87 -0.34 12.17
N GLU A 244 -8.03 -0.92 10.98
CA GLU A 244 -8.95 -2.04 10.80
C GLU A 244 -8.41 -3.24 10.02
N GLU A 245 -7.10 -3.29 9.80
CA GLU A 245 -6.50 -4.36 8.99
C GLU A 245 -5.18 -4.92 9.54
N LEU A 246 -4.24 -4.04 9.84
CA LEU A 246 -2.87 -4.45 10.19
C LEU A 246 -2.68 -4.79 11.67
N TYR A 247 -2.04 -5.92 11.93
CA TYR A 247 -1.63 -6.31 13.29
C TYR A 247 -0.30 -5.64 13.64
N LYS A 248 -0.16 -5.25 14.90
CA LYS A 248 1.09 -4.64 15.38
C LYS A 248 1.99 -5.68 16.05
N VAL A 249 3.27 -5.66 15.69
CA VAL A 249 4.26 -6.59 16.22
C VAL A 249 5.26 -5.85 17.10
N ILE A 250 5.52 -6.41 18.29
CA ILE A 250 6.49 -5.83 19.22
C ILE A 250 7.74 -6.71 19.31
N GLY A 251 8.89 -6.13 18.94
CA GLY A 251 10.17 -6.80 19.03
C GLY A 251 11.17 -5.99 19.85
N LYS A 252 12.34 -6.55 20.10
CA LYS A 252 13.36 -5.90 20.91
C LYS A 252 14.14 -4.83 20.14
N GLY A 253 14.22 -4.99 18.82
CA GLY A 253 14.98 -4.07 17.98
C GLY A 253 16.47 -4.38 17.92
N SER A 254 16.94 -5.08 18.94
CA SER A 254 18.33 -5.53 19.02
C SER A 254 18.40 -6.92 19.63
N GLU A 255 19.30 -7.75 19.11
CA GLU A 255 19.48 -9.11 19.59
C GLU A 255 20.55 -9.19 20.70
N LYS A 256 20.41 -8.31 21.69
CA LYS A 256 21.33 -8.24 22.82
C LYS A 256 20.57 -8.29 24.14
N SER A 257 21.18 -8.89 25.15
CA SER A 257 20.58 -9.02 26.48
C SER A 257 20.59 -7.68 27.24
N ASP A 258 21.55 -6.83 26.92
CA ASP A 258 21.69 -5.51 27.54
C ASP A 258 20.60 -4.54 27.11
N ASP A 259 20.10 -4.73 25.90
CA ASP A 259 19.09 -3.85 25.30
C ASP A 259 17.74 -3.97 26.01
N ASN A 260 17.07 -2.82 26.16
CA ASN A 260 15.75 -2.77 26.80
C ASN A 260 14.70 -2.03 25.95
N SER A 261 15.13 -1.52 24.80
CA SER A 261 14.24 -0.81 23.88
C SER A 261 13.33 -1.76 23.11
N TYR A 262 12.34 -1.20 22.41
CA TYR A 262 11.40 -1.99 21.62
C TYR A 262 11.14 -1.36 20.25
N ASP A 263 11.16 -2.19 19.21
CA ASP A 263 10.87 -1.76 17.85
C ASP A 263 9.46 -2.21 17.45
N GLU A 264 8.67 -1.28 16.93
CA GLU A 264 7.30 -1.58 16.51
C GLU A 264 7.23 -1.97 15.04
N LYS A 265 6.75 -3.19 14.79
CA LYS A 265 6.61 -3.73 13.44
C LYS A 265 5.14 -4.05 13.15
N TYR A 266 4.85 -4.42 11.90
CA TYR A 266 3.48 -4.74 11.48
C TYR A 266 3.42 -5.96 10.56
N LEU A 267 2.49 -6.87 10.86
CA LEU A 267 2.25 -8.04 10.01
C LEU A 267 1.61 -7.63 8.68
N ILE A 268 2.07 -8.24 7.59
CA ILE A 268 1.57 -7.92 6.25
C ILE A 268 0.18 -8.49 5.99
N ALA A 269 -0.63 -7.73 5.28
CA ALA A 269 -1.98 -8.16 4.90
C ALA A 269 -2.00 -8.62 3.44
N THR A 270 -0.90 -8.36 2.73
CA THR A 270 -0.76 -8.71 1.33
C THR A 270 0.74 -8.87 1.00
N SER A 271 1.04 -9.66 -0.03
CA SER A 271 2.39 -9.74 -0.57
C SER A 271 2.76 -8.45 -1.29
N GLU A 272 1.73 -7.69 -1.68
CA GLU A 272 1.87 -6.38 -2.32
C GLU A 272 2.80 -5.45 -1.53
N GLN A 273 2.57 -5.37 -0.23
CA GLN A 273 3.29 -4.43 0.65
C GLN A 273 4.82 -4.63 0.68
N PRO A 274 5.31 -5.86 0.99
CA PRO A 274 6.76 -6.07 0.98
C PRO A 274 7.40 -6.02 -0.42
N ILE A 275 6.68 -6.47 -1.44
CA ILE A 275 7.19 -6.44 -2.82
C ILE A 275 7.26 -5.00 -3.35
N ALA A 276 6.33 -4.16 -2.91
CA ALA A 276 6.35 -2.74 -3.24
C ALA A 276 7.59 -2.06 -2.65
N ALA A 277 7.99 -2.51 -1.46
CA ALA A 277 9.14 -1.94 -0.75
C ALA A 277 10.47 -2.61 -1.14
N LEU A 278 10.40 -3.59 -2.03
CA LEU A 278 11.59 -4.31 -2.48
C LEU A 278 12.55 -3.39 -3.24
N HIS A 279 11.99 -2.57 -4.12
CA HIS A 279 12.79 -1.64 -4.92
C HIS A 279 12.69 -0.22 -4.41
N ARG A 280 12.59 -0.09 -3.09
CA ARG A 280 12.52 1.21 -2.43
C ARG A 280 13.82 1.99 -2.60
N ASP A 281 13.70 3.27 -2.92
CA ASP A 281 14.84 4.17 -3.17
C ASP A 281 15.79 3.59 -4.21
N GLU A 282 15.25 3.30 -5.40
CA GLU A 282 16.01 2.73 -6.50
C GLU A 282 15.71 3.41 -7.83
N TRP A 283 16.64 3.29 -8.77
CA TRP A 283 16.47 3.80 -10.12
C TRP A 283 16.39 2.65 -11.08
N LEU A 284 15.16 2.26 -11.41
CA LEU A 284 14.91 1.10 -12.27
C LEU A 284 15.17 1.40 -13.74
N ARG A 285 15.85 0.48 -14.41
CA ARG A 285 16.18 0.61 -15.84
C ARG A 285 14.95 0.36 -16.71
N PRO A 286 14.78 1.17 -17.78
CA PRO A 286 13.68 1.00 -18.74
C PRO A 286 13.75 -0.34 -19.48
N GLU A 287 14.97 -0.84 -19.70
CA GLU A 287 15.19 -2.12 -20.39
C GLU A 287 14.76 -3.33 -19.55
N ASP A 288 14.85 -3.19 -18.23
CA ASP A 288 14.45 -4.26 -17.30
C ASP A 288 12.94 -4.38 -17.16
N LEU A 289 12.25 -3.25 -17.35
CA LEU A 289 10.78 -3.21 -17.25
C LEU A 289 10.12 -3.87 -18.47
N PRO A 290 9.01 -4.59 -18.25
CA PRO A 290 8.31 -4.76 -16.97
C PRO A 290 8.84 -5.92 -16.11
N ILE A 291 9.13 -5.61 -14.85
CA ILE A 291 9.59 -6.62 -13.89
C ILE A 291 8.38 -7.24 -13.20
N LYS A 292 8.23 -8.55 -13.35
CA LYS A 292 7.05 -9.26 -12.87
C LYS A 292 7.39 -10.22 -11.72
N TYR A 293 6.62 -10.13 -10.64
CA TYR A 293 6.85 -10.96 -9.46
C TYR A 293 5.65 -11.84 -9.13
N ALA A 294 5.93 -13.08 -8.73
CA ALA A 294 4.91 -14.01 -8.26
C ALA A 294 5.05 -14.19 -6.75
N GLY A 295 4.45 -13.27 -5.99
CA GLY A 295 4.56 -13.25 -4.54
C GLY A 295 3.90 -14.42 -3.83
N LEU A 296 4.60 -14.95 -2.84
CA LEU A 296 4.08 -16.04 -2.02
C LEU A 296 4.30 -15.74 -0.54
N SER A 297 3.19 -15.53 0.19
CA SER A 297 3.24 -15.22 1.62
C SER A 297 1.94 -15.56 2.32
N THR A 298 1.98 -15.56 3.65
CA THR A 298 0.79 -15.66 4.47
C THR A 298 0.33 -14.24 4.82
N CYS A 299 -0.96 -14.00 4.66
CA CYS A 299 -1.53 -12.67 4.89
C CYS A 299 -2.28 -12.60 6.22
N PHE A 300 -2.08 -11.50 6.93
CA PHE A 300 -2.69 -11.29 8.24
C PHE A 300 -3.60 -10.07 8.23
N ARG A 301 -4.89 -10.31 8.47
CA ARG A 301 -5.89 -9.24 8.45
C ARG A 301 -6.76 -9.25 9.70
N GLN A 302 -6.91 -8.09 10.31
CA GLN A 302 -7.64 -7.93 11.56
C GLN A 302 -9.16 -7.98 11.34
N GLU A 303 -9.57 -7.56 10.14
CA GLU A 303 -10.98 -7.63 9.69
C GLU A 303 -11.96 -6.99 10.67
N VAL A 304 -11.63 -5.80 11.13
CA VAL A 304 -12.43 -5.06 12.12
C VAL A 304 -13.72 -4.51 11.50
N GLY A 305 -13.68 -4.24 10.21
CA GLY A 305 -14.82 -3.67 9.48
C GLY A 305 -16.07 -4.54 9.46
N SER A 306 -15.89 -5.86 9.51
CA SER A 306 -17.01 -6.79 9.40
C SER A 306 -17.15 -7.71 10.61
N HIS A 307 -18.28 -7.59 11.30
CA HIS A 307 -18.61 -8.45 12.44
C HIS A 307 -19.86 -9.23 12.14
N GLY A 308 -19.82 -10.54 12.39
CA GLY A 308 -20.94 -11.42 12.07
C GLY A 308 -21.03 -11.71 10.58
N ARG A 309 -19.88 -11.65 9.91
CA ARG A 309 -19.79 -11.86 8.47
C ARG A 309 -18.92 -13.09 8.17
N ASP A 310 -19.55 -14.14 7.64
CA ASP A 310 -18.86 -15.40 7.31
C ASP A 310 -18.04 -15.93 8.49
N THR A 311 -18.70 -16.09 9.64
CA THR A 311 -18.03 -16.45 10.89
C THR A 311 -17.81 -17.96 11.08
N ARG A 312 -18.37 -18.76 10.18
CA ARG A 312 -18.32 -20.21 10.32
C ARG A 312 -17.21 -20.89 9.50
N GLY A 313 -17.14 -20.55 8.21
CA GLY A 313 -16.18 -21.19 7.31
C GLY A 313 -14.80 -20.55 7.29
N ILE A 314 -13.99 -20.95 6.32
CA ILE A 314 -12.64 -20.40 6.14
C ILE A 314 -12.61 -19.26 5.11
N PHE A 315 -13.79 -18.81 4.71
CA PHE A 315 -13.92 -17.75 3.69
C PHE A 315 -13.38 -16.42 4.18
N ARG A 316 -13.78 -16.01 5.39
CA ARG A 316 -13.29 -14.78 5.99
C ARG A 316 -12.56 -15.11 7.29
N VAL A 317 -11.23 -15.06 7.24
CA VAL A 317 -10.37 -15.41 8.37
C VAL A 317 -9.25 -14.40 8.58
N HIS A 318 -8.59 -14.48 9.74
CA HIS A 318 -7.48 -13.58 10.07
C HIS A 318 -6.20 -13.95 9.37
N GLN A 319 -6.13 -15.19 8.87
CA GLN A 319 -4.90 -15.75 8.35
C GLN A 319 -5.14 -16.63 7.13
N PHE A 320 -4.43 -16.31 6.04
CA PHE A 320 -4.57 -17.05 4.77
C PHE A 320 -3.35 -16.90 3.86
N GLU A 321 -3.05 -17.95 3.10
CA GLU A 321 -1.99 -17.91 2.09
C GLU A 321 -2.53 -17.36 0.79
N LYS A 322 -1.69 -16.60 0.08
CA LYS A 322 -2.09 -15.97 -1.18
C LYS A 322 -0.92 -15.79 -2.13
N ILE A 323 -1.13 -16.20 -3.38
CA ILE A 323 -0.16 -15.99 -4.46
C ILE A 323 -0.51 -14.69 -5.18
N GLU A 324 0.46 -13.79 -5.26
CA GLU A 324 0.22 -12.42 -5.75
C GLU A 324 1.01 -12.10 -7.01
N GLN A 325 0.37 -11.38 -7.93
CA GLN A 325 1.05 -10.81 -9.09
C GLN A 325 1.41 -9.37 -8.78
N PHE A 326 2.67 -9.02 -8.97
CA PHE A 326 3.13 -7.65 -8.80
C PHE A 326 4.06 -7.25 -9.95
N VAL A 327 3.65 -6.22 -10.69
CA VAL A 327 4.40 -5.79 -11.87
C VAL A 327 4.83 -4.33 -11.76
N TYR A 328 6.14 -4.10 -11.97
CA TYR A 328 6.67 -2.76 -12.14
C TYR A 328 6.64 -2.43 -13.63
N SER A 329 5.85 -1.42 -13.99
CA SER A 329 5.63 -1.07 -15.39
C SER A 329 6.14 0.33 -15.75
N SER A 330 6.36 0.55 -17.04
CA SER A 330 6.80 1.84 -17.57
C SER A 330 5.64 2.85 -17.52
N PRO A 331 5.94 4.10 -17.08
CA PRO A 331 4.92 5.15 -17.01
C PRO A 331 4.48 5.68 -18.37
N HIS A 332 5.35 5.57 -19.36
CA HIS A 332 5.09 6.09 -20.70
C HIS A 332 4.13 5.23 -21.49
N ASP A 333 3.51 5.84 -22.50
CA ASP A 333 2.50 5.19 -23.34
C ASP A 333 1.32 4.68 -22.50
N ASN A 334 0.81 3.50 -22.85
CA ASN A 334 -0.27 2.87 -22.11
C ASN A 334 0.17 1.53 -21.53
N LYS A 335 1.47 1.42 -21.26
CA LYS A 335 2.11 0.18 -20.80
C LYS A 335 1.46 -0.43 -19.55
N SER A 336 1.17 0.42 -18.57
CA SER A 336 0.57 -0.01 -17.31
C SER A 336 -0.87 -0.48 -17.47
N TRP A 337 -1.63 0.20 -18.33
CA TRP A 337 -3.02 -0.14 -18.58
C TRP A 337 -3.16 -1.34 -19.47
N GLU A 338 -2.16 -1.58 -20.31
CA GLU A 338 -2.08 -2.80 -21.10
C GLU A 338 -1.72 -3.99 -20.22
N MET A 339 -0.90 -3.73 -19.20
CA MET A 339 -0.53 -4.73 -18.20
C MET A 339 -1.70 -5.00 -17.25
N PHE A 340 -2.50 -3.96 -17.00
CA PHE A 340 -3.69 -4.06 -16.15
C PHE A 340 -4.71 -5.06 -16.73
N GLU A 341 -4.86 -5.03 -18.06
CA GLU A 341 -5.73 -5.98 -18.76
C GLU A 341 -5.07 -7.33 -18.94
N GLU A 342 -3.73 -7.35 -18.89
CA GLU A 342 -2.96 -8.58 -19.00
C GLU A 342 -2.99 -9.37 -17.69
N MET A 343 -2.94 -8.67 -16.56
CA MET A 343 -2.93 -9.28 -15.24
C MET A 343 -4.28 -9.88 -14.84
N ILE A 344 -5.36 -9.23 -15.25
CA ILE A 344 -6.72 -9.71 -14.96
C ILE A 344 -7.05 -10.96 -15.79
N THR A 345 -6.56 -11.00 -17.03
CA THR A 345 -6.73 -12.16 -17.90
C THR A 345 -5.88 -13.35 -17.44
N THR A 346 -4.76 -13.06 -16.79
CA THR A 346 -3.92 -14.08 -16.17
C THR A 346 -4.69 -14.73 -15.00
N ALA A 347 -5.42 -13.91 -14.27
CA ALA A 347 -6.29 -14.38 -13.20
C ALA A 347 -7.52 -15.10 -13.77
N GLU A 348 -8.00 -14.64 -14.92
CA GLU A 348 -9.14 -15.24 -15.61
C GLU A 348 -8.81 -16.64 -16.13
N GLU A 349 -7.72 -16.76 -16.88
CA GLU A 349 -7.28 -18.04 -17.45
C GLU A 349 -6.86 -19.05 -16.39
N PHE A 350 -6.62 -18.55 -15.17
CA PHE A 350 -6.29 -19.40 -14.03
C PHE A 350 -7.53 -20.14 -13.53
N TYR A 351 -8.61 -19.40 -13.33
CA TYR A 351 -9.87 -19.98 -12.83
C TYR A 351 -10.70 -20.65 -13.91
N GLN A 352 -10.43 -20.31 -15.17
CA GLN A 352 -11.06 -20.96 -16.31
C GLN A 352 -10.55 -22.40 -16.46
N SER A 353 -9.27 -22.60 -16.20
CA SER A 353 -8.65 -23.92 -16.25
C SER A 353 -9.07 -24.78 -15.05
N LEU A 354 -9.36 -24.12 -13.93
CA LEU A 354 -9.86 -24.80 -12.74
C LEU A 354 -11.37 -25.07 -12.81
N GLY A 355 -12.02 -24.49 -13.81
CA GLY A 355 -13.44 -24.69 -14.03
C GLY A 355 -14.33 -23.98 -13.03
N ILE A 356 -13.97 -22.73 -12.73
CA ILE A 356 -14.73 -21.92 -11.77
C ILE A 356 -15.46 -20.78 -12.50
N PRO A 357 -16.80 -20.73 -12.38
CA PRO A 357 -17.59 -19.64 -12.96
C PRO A 357 -17.41 -18.32 -12.20
N TYR A 358 -17.43 -17.21 -12.93
CA TYR A 358 -17.18 -15.89 -12.35
C TYR A 358 -17.73 -14.76 -13.21
N HIS A 359 -17.70 -13.54 -12.67
CA HIS A 359 -17.90 -12.33 -13.45
C HIS A 359 -16.97 -11.21 -13.04
N ILE A 360 -16.50 -10.45 -14.03
CA ILE A 360 -15.59 -9.34 -13.79
C ILE A 360 -16.37 -8.07 -13.45
N VAL A 361 -15.97 -7.40 -12.37
CA VAL A 361 -16.66 -6.21 -11.87
C VAL A 361 -15.74 -4.99 -11.80
N ASN A 362 -16.22 -3.87 -12.32
CA ASN A 362 -15.54 -2.58 -12.16
C ASN A 362 -16.07 -1.89 -10.90
N ILE A 363 -15.18 -1.77 -9.90
CA ILE A 363 -15.56 -1.25 -8.58
C ILE A 363 -15.70 0.27 -8.60
N VAL A 364 -16.74 0.75 -7.93
CA VAL A 364 -17.01 2.19 -7.79
C VAL A 364 -15.88 2.93 -7.08
N SER A 365 -15.72 4.20 -7.41
CA SER A 365 -14.65 5.04 -6.88
C SER A 365 -14.69 5.23 -5.36
N GLY A 366 -15.88 5.14 -4.78
CA GLY A 366 -16.07 5.31 -3.34
C GLY A 366 -15.49 4.20 -2.50
N SER A 367 -15.36 3.01 -3.08
CA SER A 367 -14.83 1.84 -2.37
C SER A 367 -13.36 1.54 -2.71
N LEU A 368 -12.76 2.40 -3.52
CA LEU A 368 -11.35 2.24 -3.90
C LEU A 368 -10.42 2.82 -2.84
N ASN A 369 -9.29 2.14 -2.63
CA ASN A 369 -8.24 2.63 -1.73
C ASN A 369 -7.46 3.78 -2.37
N HIS A 370 -6.71 4.51 -1.54
CA HIS A 370 -5.97 5.70 -2.00
C HIS A 370 -4.98 5.43 -3.09
N ALA A 371 -4.42 4.22 -3.10
CA ALA A 371 -3.39 3.85 -4.08
C ALA A 371 -3.94 3.55 -5.47
N ALA A 372 -5.04 2.80 -5.53
CA ALA A 372 -5.60 2.31 -6.79
C ALA A 372 -6.27 3.40 -7.63
N SER A 373 -5.98 3.39 -8.92
CA SER A 373 -6.61 4.28 -9.88
C SER A 373 -7.86 3.60 -10.49
N LYS A 374 -7.76 2.28 -10.67
CA LYS A 374 -8.85 1.46 -11.18
C LYS A 374 -8.71 0.04 -10.63
N LYS A 375 -9.81 -0.51 -10.13
CA LYS A 375 -9.83 -1.87 -9.60
C LYS A 375 -10.84 -2.76 -10.31
N LEU A 376 -10.41 -3.97 -10.64
CA LEU A 376 -11.30 -4.99 -11.20
C LEU A 376 -11.31 -6.23 -10.31
N ASP A 377 -12.50 -6.67 -9.93
CA ASP A 377 -12.65 -7.86 -9.08
C ASP A 377 -13.27 -9.04 -9.83
N LEU A 378 -12.67 -10.21 -9.62
CA LEU A 378 -13.20 -11.46 -10.15
C LEU A 378 -14.04 -12.14 -9.06
N GLU A 379 -15.36 -11.97 -9.16
CA GLU A 379 -16.29 -12.55 -8.20
C GLU A 379 -16.81 -13.89 -8.72
N ALA A 380 -16.37 -14.96 -8.07
CA ALA A 380 -16.74 -16.32 -8.47
C ALA A 380 -18.12 -16.72 -7.98
N TRP A 381 -18.80 -17.54 -8.79
CA TRP A 381 -20.13 -18.03 -8.44
C TRP A 381 -20.06 -19.18 -7.46
N PHE A 382 -20.81 -19.06 -6.38
CA PHE A 382 -20.89 -20.09 -5.36
C PHE A 382 -22.27 -20.75 -5.39
N PRO A 383 -22.33 -22.01 -5.88
CA PRO A 383 -23.59 -22.74 -6.06
C PRO A 383 -24.32 -23.06 -4.76
N GLY A 384 -23.57 -23.50 -3.74
CA GLY A 384 -24.15 -23.84 -2.44
C GLY A 384 -24.63 -22.64 -1.66
N SER A 385 -23.86 -21.55 -1.72
CA SER A 385 -24.22 -20.31 -1.05
C SER A 385 -25.30 -19.54 -1.80
N GLY A 386 -25.26 -19.61 -3.14
CA GLY A 386 -26.24 -18.96 -3.99
C GLY A 386 -25.93 -17.52 -4.35
N ALA A 387 -24.71 -17.09 -4.04
CA ALA A 387 -24.27 -15.72 -4.32
C ALA A 387 -22.86 -15.66 -4.89
N PHE A 388 -22.53 -14.52 -5.50
CA PHE A 388 -21.18 -14.27 -6.00
C PHE A 388 -20.27 -13.79 -4.87
N ARG A 389 -19.08 -14.38 -4.80
CA ARG A 389 -18.11 -14.07 -3.75
C ARG A 389 -16.77 -13.64 -4.32
N GLU A 390 -16.17 -12.63 -3.69
CA GLU A 390 -14.89 -12.05 -4.14
C GLU A 390 -13.72 -13.02 -3.96
N LEU A 391 -12.95 -13.22 -5.03
CA LEU A 391 -11.75 -14.04 -4.97
C LEU A 391 -10.50 -13.25 -5.38
N VAL A 392 -10.65 -12.37 -6.36
CA VAL A 392 -9.53 -11.62 -6.93
C VAL A 392 -9.78 -10.11 -6.95
N SER A 393 -8.73 -9.34 -6.66
CA SER A 393 -8.73 -7.89 -6.82
C SER A 393 -7.51 -7.45 -7.64
N CYS A 394 -7.79 -6.80 -8.76
CA CYS A 394 -6.73 -6.33 -9.66
C CYS A 394 -6.71 -4.81 -9.70
N SER A 395 -5.60 -4.22 -9.29
CA SER A 395 -5.48 -2.76 -9.16
C SER A 395 -4.27 -2.18 -9.89
N ASN A 396 -4.48 -1.06 -10.56
CA ASN A 396 -3.39 -0.26 -11.11
C ASN A 396 -3.18 0.96 -10.23
N CYS A 397 -2.05 1.00 -9.53
CA CYS A 397 -1.75 2.08 -8.61
C CYS A 397 -0.93 3.21 -9.27
N THR A 398 -0.54 2.98 -10.53
CA THR A 398 0.28 3.92 -11.30
C THR A 398 1.52 4.40 -10.54
N ASP A 399 1.78 5.71 -10.56
CA ASP A 399 2.96 6.29 -9.92
C ASP A 399 2.70 6.75 -8.49
N TYR A 400 1.60 6.30 -7.89
CA TYR A 400 1.23 6.66 -6.52
C TYR A 400 2.20 6.05 -5.51
N GLN A 401 2.34 4.73 -5.55
CA GLN A 401 3.24 4.01 -4.64
C GLN A 401 4.71 4.30 -4.92
N ALA A 402 5.04 4.49 -6.19
CA ALA A 402 6.42 4.72 -6.63
C ALA A 402 6.97 6.06 -6.14
N ARG A 403 6.12 7.08 -6.10
CA ARG A 403 6.52 8.41 -5.61
C ARG A 403 6.83 8.37 -4.11
N ARG A 404 6.01 7.65 -3.36
CA ARG A 404 6.16 7.51 -1.92
C ARG A 404 7.41 6.70 -1.56
N LEU A 405 7.64 5.61 -2.28
CA LEU A 405 8.77 4.71 -2.03
C LEU A 405 10.03 5.12 -2.81
N ARG A 406 9.91 6.22 -3.57
CA ARG A 406 11.01 6.77 -4.38
C ARG A 406 11.57 5.76 -5.39
N ILE A 407 10.69 5.14 -6.17
CA ILE A 407 11.07 4.21 -7.22
C ILE A 407 10.95 4.90 -8.57
N ARG A 408 12.09 5.30 -9.12
CA ARG A 408 12.13 6.15 -10.31
C ARG A 408 12.32 5.38 -11.61
N TYR A 409 11.79 5.94 -12.69
CA TYR A 409 12.02 5.44 -14.04
C TYR A 409 13.35 6.01 -14.53
N GLY A 410 14.42 5.25 -14.34
CA GLY A 410 15.78 5.72 -14.61
C GLY A 410 16.18 5.71 -16.07
N GLN A 411 15.59 6.60 -16.84
CA GLN A 411 15.92 6.77 -18.26
C GLN A 411 17.25 7.52 -18.43
N THR A 412 17.93 7.28 -19.54
CA THR A 412 19.23 7.91 -19.82
C THR A 412 19.25 8.64 -21.16
N LYS A 413 18.07 8.82 -21.76
CA LYS A 413 17.95 9.44 -23.08
C LYS A 413 17.66 10.94 -23.04
N LYS A 414 16.99 11.38 -21.98
CA LYS A 414 16.58 12.78 -21.84
C LYS A 414 17.02 13.37 -20.49
N MET A 415 17.20 14.69 -20.47
CA MET A 415 17.40 15.42 -19.22
C MET A 415 16.10 16.13 -18.88
N MET A 416 15.49 15.74 -17.78
CA MET A 416 14.15 16.21 -17.42
C MET A 416 14.16 17.22 -16.28
N ASP A 417 13.07 17.99 -16.18
CA ASP A 417 12.91 18.96 -15.09
C ASP A 417 12.35 18.30 -13.83
N LYS A 418 11.47 17.32 -14.02
CA LYS A 418 10.89 16.55 -12.92
C LYS A 418 11.17 15.07 -13.11
N VAL A 419 11.40 14.37 -12.00
CA VAL A 419 11.67 12.94 -12.03
C VAL A 419 10.38 12.17 -12.28
N GLU A 420 10.43 11.24 -13.23
CA GLU A 420 9.28 10.38 -13.51
C GLU A 420 9.40 9.06 -12.77
N PHE A 421 8.33 8.68 -12.08
CA PHE A 421 8.27 7.44 -11.32
C PHE A 421 7.60 6.33 -12.12
N VAL A 422 7.96 5.08 -11.81
CA VAL A 422 7.39 3.92 -12.50
C VAL A 422 5.93 3.68 -12.11
N HIS A 423 5.25 2.83 -12.87
CA HIS A 423 3.89 2.43 -12.56
C HIS A 423 3.86 1.08 -11.92
N MET A 424 3.15 0.97 -10.81
CA MET A 424 3.09 -0.26 -10.03
C MET A 424 1.68 -0.84 -9.96
N LEU A 425 1.58 -2.15 -10.18
CA LEU A 425 0.30 -2.83 -10.21
C LEU A 425 0.31 -4.08 -9.32
N ASN A 426 -0.85 -4.39 -8.74
CA ASN A 426 -0.99 -5.57 -7.89
C ASN A 426 -2.32 -6.29 -8.11
N ALA A 427 -2.23 -7.60 -8.30
CA ALA A 427 -3.39 -8.47 -8.50
C ALA A 427 -3.14 -9.84 -7.88
N THR A 428 -4.16 -10.38 -7.21
CA THR A 428 -4.04 -11.72 -6.64
C THR A 428 -4.32 -12.81 -7.66
N MET A 429 -3.45 -13.82 -7.68
CA MET A 429 -3.61 -14.97 -8.56
C MET A 429 -4.52 -16.01 -7.93
N CYS A 430 -4.24 -16.34 -6.66
CA CYS A 430 -5.01 -17.34 -5.92
C CYS A 430 -4.96 -17.09 -4.42
N ALA A 431 -6.13 -16.84 -3.83
CA ALA A 431 -6.29 -16.76 -2.39
C ALA A 431 -6.72 -18.14 -1.88
N THR A 432 -5.76 -18.89 -1.35
CA THR A 432 -5.92 -20.31 -1.04
C THR A 432 -7.22 -20.69 -0.33
N THR A 433 -7.50 -20.04 0.81
CA THR A 433 -8.67 -20.37 1.63
C THR A 433 -9.99 -20.13 0.90
N ARG A 434 -10.07 -19.05 0.14
CA ARG A 434 -11.28 -18.70 -0.60
C ARG A 434 -11.41 -19.48 -1.91
N THR A 435 -10.28 -19.86 -2.50
CA THR A 435 -10.26 -20.68 -3.70
C THR A 435 -10.73 -22.10 -3.39
N ILE A 436 -10.32 -22.61 -2.24
CA ILE A 436 -10.78 -23.92 -1.75
C ILE A 436 -12.30 -23.94 -1.60
N CYS A 437 -12.85 -22.88 -0.99
CA CYS A 437 -14.30 -22.71 -0.86
C CYS A 437 -15.02 -22.73 -2.20
N ALA A 438 -14.38 -22.15 -3.22
CA ALA A 438 -14.92 -22.13 -4.58
C ALA A 438 -14.84 -23.50 -5.25
N ILE A 439 -13.76 -24.23 -4.98
CA ILE A 439 -13.56 -25.58 -5.53
C ILE A 439 -14.53 -26.58 -4.89
N LEU A 440 -14.66 -26.51 -3.56
CA LEU A 440 -15.53 -27.43 -2.82
C LEU A 440 -17.00 -27.30 -3.22
N GLU A 441 -17.46 -26.08 -3.48
CA GLU A 441 -18.86 -25.83 -3.83
C GLU A 441 -19.18 -26.13 -5.29
N ASN A 442 -18.20 -25.95 -6.17
CA ASN A 442 -18.39 -26.19 -7.61
C ASN A 442 -18.18 -27.64 -8.02
N TYR A 443 -17.40 -28.39 -7.24
CA TYR A 443 -17.05 -29.77 -7.57
C TYR A 443 -17.66 -30.80 -6.62
N GLN A 444 -18.66 -30.38 -5.84
CA GLN A 444 -19.33 -31.28 -4.90
C GLN A 444 -20.27 -32.27 -5.60
N THR A 445 -20.22 -33.52 -5.15
CA THR A 445 -21.07 -34.58 -5.67
C THR A 445 -21.74 -35.34 -4.51
N GLU A 446 -22.11 -36.60 -4.77
CA GLU A 446 -22.70 -37.46 -3.75
C GLU A 446 -21.63 -38.13 -2.88
N LYS A 447 -20.46 -38.38 -3.47
CA LYS A 447 -19.35 -39.07 -2.79
C LYS A 447 -18.45 -38.09 -2.03
N GLY A 448 -18.15 -36.95 -2.67
CA GLY A 448 -17.29 -35.93 -2.10
C GLY A 448 -17.05 -34.76 -3.03
N ILE A 449 -15.80 -34.33 -3.12
CA ILE A 449 -15.42 -33.24 -4.01
C ILE A 449 -14.43 -33.75 -5.07
N THR A 450 -14.80 -33.59 -6.33
CA THR A 450 -13.98 -34.03 -7.45
C THR A 450 -12.75 -33.13 -7.60
N VAL A 451 -11.59 -33.74 -7.77
CA VAL A 451 -10.34 -33.01 -7.97
C VAL A 451 -10.30 -32.43 -9.38
N PRO A 452 -10.11 -31.10 -9.49
CA PRO A 452 -10.00 -30.43 -10.80
C PRO A 452 -8.83 -30.97 -11.63
N GLU A 453 -9.02 -31.00 -12.94
CA GLU A 453 -8.04 -31.59 -13.88
C GLU A 453 -6.63 -31.05 -13.71
N LYS A 454 -6.51 -29.74 -13.48
CA LYS A 454 -5.21 -29.08 -13.36
C LYS A 454 -4.51 -29.37 -12.02
N LEU A 455 -5.30 -29.69 -11.00
CA LEU A 455 -4.78 -29.94 -9.66
C LEU A 455 -4.47 -31.42 -9.40
N LYS A 456 -4.88 -32.29 -10.31
CA LYS A 456 -4.67 -33.74 -10.19
C LYS A 456 -3.20 -34.14 -10.13
N GLU A 457 -2.35 -33.34 -10.77
CA GLU A 457 -0.90 -33.61 -10.84
C GLU A 457 -0.20 -33.42 -9.50
N PHE A 458 -0.68 -32.46 -8.71
CA PHE A 458 0.00 -32.05 -7.47
C PHE A 458 -0.57 -32.72 -6.22
N MET A 459 -1.71 -33.42 -6.38
CA MET A 459 -2.31 -34.16 -5.28
C MET A 459 -1.58 -35.48 -5.04
N PRO A 460 -1.47 -35.90 -3.76
CA PRO A 460 -0.79 -37.15 -3.41
C PRO A 460 -1.56 -38.40 -3.90
N PRO A 461 -0.85 -39.51 -4.15
CA PRO A 461 -1.50 -40.76 -4.57
C PRO A 461 -2.53 -41.24 -3.55
N GLY A 462 -3.77 -41.39 -4.00
CA GLY A 462 -4.89 -41.74 -3.13
C GLY A 462 -5.95 -40.65 -3.07
N LEU A 463 -5.53 -39.42 -3.39
CA LEU A 463 -6.44 -38.26 -3.40
C LEU A 463 -6.38 -37.52 -4.74
N GLN A 464 -6.02 -38.25 -5.80
CA GLN A 464 -5.86 -37.66 -7.13
C GLN A 464 -7.18 -37.62 -7.92
N GLU A 465 -8.05 -38.59 -7.68
CA GLU A 465 -9.32 -38.70 -8.41
C GLU A 465 -10.43 -37.89 -7.77
N LEU A 466 -10.70 -38.14 -6.49
CA LEU A 466 -11.73 -37.41 -5.74
C LEU A 466 -11.41 -37.36 -4.24
N ILE A 467 -11.92 -36.32 -3.58
CA ILE A 467 -11.75 -36.16 -2.14
C ILE A 467 -13.08 -36.51 -1.45
N PRO A 468 -13.17 -37.71 -0.88
CA PRO A 468 -14.44 -38.26 -0.39
C PRO A 468 -14.88 -37.74 0.98
N PHE A 469 -16.19 -37.75 1.22
CA PHE A 469 -16.74 -37.40 2.52
C PHE A 469 -16.46 -38.49 3.54
N VAL A 470 -16.14 -38.08 4.77
CA VAL A 470 -15.90 -39.02 5.86
C VAL A 470 -16.77 -38.70 7.09
N LYS A 471 -17.24 -37.46 7.16
CA LYS A 471 -18.09 -37.00 8.26
C LYS A 471 -19.43 -36.47 7.73
N PRO A 472 -20.51 -36.60 8.52
CA PRO A 472 -21.80 -36.02 8.13
C PRO A 472 -21.81 -34.50 8.27
N ALA A 473 -22.80 -33.86 7.65
CA ALA A 473 -22.93 -32.40 7.67
C ALA A 473 -23.21 -31.88 9.09
N PRO A 474 -22.46 -30.85 9.53
CA PRO A 474 -22.64 -30.25 10.85
C PRO A 474 -24.06 -29.70 11.04
N ILE A 475 -24.91 -30.50 11.67
CA ILE A 475 -26.32 -30.17 11.83
C ILE A 475 -26.55 -29.32 13.09
N GLU A 476 -27.60 -28.51 13.06
CA GLU A 476 -27.96 -27.64 14.18
C GLU A 476 -29.16 -28.18 14.94
#